data_8Z2K
#
_entry.id   8Z2K
#
_cell.length_a   84.390
_cell.length_b   84.390
_cell.length_c   64.780
_cell.angle_alpha   90.000
_cell.angle_beta   90.000
_cell.angle_gamma   120.000
#
_symmetry.space_group_name_H-M   'P 3'
#
loop_
_entity.id
_entity.type
_entity.pdbx_description
1 polymer 'Alpha/beta hydrolase family protein'
2 non-polymer '4-[oxidanyl(2-phenylmethoxyethoxy)phosphoryl]benzoic acid'
3 non-polymer 'CALCIUM ION'
4 water water
#
_entity_poly.entity_id   1
_entity_poly.type   'polypeptide(L)'
_entity_poly.pdbx_seq_one_letter_code
;GPNPYERGPDPTEDSIEAIRGPFSVATERVSSFASGFGGGTIYYPRETDEGTFGAVAVAPGFTASQGSMSWYGERVASHG
FIVFTIDTNTRLDAPGQRGRQLLAALDYLVERSDRKVRERLDPNRLAVMGHAMGGGGSLEATVMRPSLKASIPLTPWHLD
KTWGQVQVPTFIIGAELDTIAPVSTHAKPFYESLPSSLPKAYMELCGATHFAPNIPNTTIAKYVISWLKRFVDEDTRYSQ
FLCPNPTDRAICEYRSTCPY
;
_entity_poly.pdbx_strand_id   A,B
#
# COMPACT_ATOMS: atom_id res chain seq x y z
N TYR A 5 -11.00 37.30 0.74
CA TYR A 5 -10.58 35.94 1.09
C TYR A 5 -9.18 35.66 0.55
N GLU A 6 -8.70 36.51 -0.36
CA GLU A 6 -7.34 36.39 -0.86
C GLU A 6 -6.34 36.64 0.26
N ARG A 7 -5.43 35.70 0.44
CA ARG A 7 -4.36 35.82 1.43
C ARG A 7 -3.01 35.72 0.75
N GLY A 8 -2.02 36.39 1.32
CA GLY A 8 -0.66 36.31 0.83
C GLY A 8 -0.44 37.04 -0.48
N PRO A 9 0.81 37.15 -0.90
CA PRO A 9 1.13 37.85 -2.15
C PRO A 9 0.74 37.03 -3.37
N ASP A 10 0.90 37.66 -4.53
CA ASP A 10 0.48 37.05 -5.79
C ASP A 10 1.37 35.85 -6.11
N PRO A 11 0.80 34.71 -6.49
CA PRO A 11 1.60 33.50 -6.64
C PRO A 11 2.25 33.38 -8.01
N THR A 12 3.49 32.90 -8.00
CA THR A 12 4.15 32.34 -9.15
C THR A 12 4.25 30.83 -8.96
N GLU A 13 4.78 30.14 -9.97
CA GLU A 13 4.99 28.71 -9.82
C GLU A 13 6.06 28.42 -8.77
N ASP A 14 6.92 29.38 -8.46
CA ASP A 14 7.95 29.19 -7.46
C ASP A 14 7.43 29.35 -6.03
N SER A 15 6.32 30.06 -5.85
CA SER A 15 5.76 30.22 -4.50
C SER A 15 4.85 29.06 -4.13
N ILE A 16 4.16 28.46 -5.10
CA ILE A 16 3.35 27.29 -4.80
C ILE A 16 4.23 26.05 -4.60
N GLU A 17 5.35 25.97 -5.33
CA GLU A 17 6.31 24.89 -5.12
C GLU A 17 7.17 25.09 -3.89
N ALA A 18 7.03 26.23 -3.20
CA ALA A 18 7.81 26.48 -2.01
C ALA A 18 7.44 25.51 -0.90
N ILE A 19 8.44 25.06 -0.15
CA ILE A 19 8.20 24.15 0.97
C ILE A 19 7.51 24.89 2.12
N ARG A 20 7.78 26.19 2.25
CA ARG A 20 7.10 27.02 3.25
C ARG A 20 6.41 28.18 2.55
N GLY A 21 5.24 28.55 3.06
CA GLY A 21 4.49 29.65 2.50
C GLY A 21 4.82 30.97 3.18
N PRO A 22 4.02 32.00 2.92
CA PRO A 22 4.27 33.32 3.51
C PRO A 22 3.84 33.45 4.97
N PHE A 23 3.32 32.39 5.59
CA PHE A 23 2.84 32.45 6.96
C PHE A 23 3.61 31.49 7.84
N SER A 24 3.72 31.85 9.11
CA SER A 24 4.30 30.98 10.13
C SER A 24 3.19 30.18 10.80
N VAL A 25 3.32 28.87 10.80
CA VAL A 25 2.29 27.97 11.31
C VAL A 25 2.50 27.76 12.81
N ALA A 26 1.39 27.50 13.51
CA ALA A 26 1.41 27.00 14.87
C ALA A 26 0.44 25.84 14.96
N THR A 27 0.52 25.08 16.05
CA THR A 27 -0.24 23.86 16.21
C THR A 27 -1.06 23.89 17.49
N GLU A 28 -2.00 22.94 17.58
CA GLU A 28 -2.80 22.73 18.79
C GLU A 28 -3.21 21.27 18.81
N ARG A 29 -2.86 20.56 19.87
CA ARG A 29 -3.17 19.15 19.98
C ARG A 29 -4.59 18.95 20.48
N VAL A 30 -5.32 18.02 19.85
CA VAL A 30 -6.70 17.73 20.19
C VAL A 30 -6.78 16.30 20.71
N SER A 31 -7.36 16.15 21.90
CA SER A 31 -7.49 14.85 22.54
C SER A 31 -8.30 13.89 21.67
N SER A 32 -8.10 12.60 21.90
CA SER A 32 -8.86 11.58 21.17
C SER A 32 -10.29 11.47 21.69
N PHE A 33 -10.57 12.01 22.87
CA PHE A 33 -11.89 11.93 23.47
C PHE A 33 -12.83 13.03 23.00
N ALA A 34 -12.42 13.82 22.01
CA ALA A 34 -13.33 14.76 21.38
C ALA A 34 -14.42 14.00 20.61
N SER A 35 -15.61 14.57 20.60
CA SER A 35 -16.78 13.85 20.12
C SER A 35 -16.71 13.59 18.62
N GLY A 36 -16.97 12.34 18.23
CA GLY A 36 -17.17 11.98 16.84
C GLY A 36 -15.95 11.53 16.08
N PHE A 37 -14.75 11.76 16.58
CA PHE A 37 -13.53 11.36 15.90
C PHE A 37 -12.43 11.17 16.93
N GLY A 38 -11.26 10.73 16.46
CA GLY A 38 -10.19 10.34 17.35
C GLY A 38 -9.13 11.41 17.59
N GLY A 39 -9.45 12.66 17.33
CA GLY A 39 -8.54 13.75 17.61
C GLY A 39 -7.52 13.96 16.50
N GLY A 40 -6.58 14.87 16.77
CA GLY A 40 -5.54 15.15 15.81
C GLY A 40 -4.77 16.40 16.17
N THR A 41 -4.17 17.01 15.14
CA THR A 41 -3.34 18.19 15.30
C THR A 41 -3.86 19.29 14.37
N ILE A 42 -4.00 20.50 14.91
CA ILE A 42 -4.57 21.62 14.17
C ILE A 42 -3.44 22.58 13.81
N TYR A 43 -3.05 22.59 12.55
CA TYR A 43 -2.06 23.53 12.05
C TYR A 43 -2.77 24.79 11.58
N TYR A 44 -2.29 25.94 12.02
CA TYR A 44 -2.97 27.20 11.73
C TYR A 44 -1.95 28.32 11.59
N PRO A 45 -2.22 29.31 10.75
CA PRO A 45 -1.31 30.46 10.65
C PRO A 45 -1.40 31.33 11.89
N ARG A 46 -0.26 31.92 12.24
CA ARG A 46 -0.17 32.75 13.44
C ARG A 46 -0.56 34.21 13.18
N GLU A 47 -0.15 34.76 12.05
CA GLU A 47 -0.45 36.16 11.74
C GLU A 47 -1.93 36.31 11.39
N THR A 48 -2.65 37.07 12.22
CA THR A 48 -4.08 37.26 12.07
C THR A 48 -4.43 38.54 11.32
N ASP A 49 -3.44 39.22 10.75
CA ASP A 49 -3.68 40.56 10.22
C ASP A 49 -4.28 40.54 8.82
N GLU A 50 -3.99 39.51 8.02
CA GLU A 50 -4.63 39.39 6.71
C GLU A 50 -6.06 38.87 6.79
N GLY A 51 -6.58 38.63 7.98
CA GLY A 51 -7.94 38.19 8.17
C GLY A 51 -8.01 36.73 8.59
N THR A 52 -9.24 36.21 8.59
CA THR A 52 -9.49 34.82 8.92
C THR A 52 -9.15 33.91 7.75
N PHE A 53 -9.10 32.60 8.03
CA PHE A 53 -8.68 31.61 7.03
C PHE A 53 -9.70 30.48 6.96
N GLY A 54 -9.79 29.88 5.78
CA GLY A 54 -10.55 28.65 5.62
C GLY A 54 -9.80 27.47 6.21
N ALA A 55 -10.51 26.34 6.30
CA ALA A 55 -9.98 25.16 6.97
C ALA A 55 -10.23 23.91 6.14
N VAL A 56 -9.30 22.96 6.26
CA VAL A 56 -9.40 21.64 5.64
C VAL A 56 -9.20 20.59 6.72
N ALA A 57 -9.87 19.45 6.55
CA ALA A 57 -9.76 18.33 7.46
C ALA A 57 -9.22 17.13 6.70
N VAL A 58 -8.10 16.57 7.16
CA VAL A 58 -7.36 15.54 6.44
C VAL A 58 -7.57 14.20 7.14
N ALA A 59 -7.92 13.17 6.37
CA ALA A 59 -8.15 11.85 6.90
C ALA A 59 -7.10 10.86 6.41
N PRO A 60 -6.58 10.00 7.28
CA PRO A 60 -5.63 8.97 6.86
C PRO A 60 -6.33 7.69 6.41
N GLY A 61 -5.58 6.86 5.70
CA GLY A 61 -6.13 5.65 5.12
C GLY A 61 -6.44 4.58 6.16
N PHE A 62 -6.88 3.43 5.64
CA PHE A 62 -7.20 2.28 6.47
C PHE A 62 -5.98 1.80 7.22
N THR A 63 -6.17 1.47 8.51
CA THR A 63 -5.10 1.10 9.43
C THR A 63 -3.92 2.06 9.31
N ALA A 64 -4.19 3.31 9.67
CA ALA A 64 -3.20 4.38 9.60
C ALA A 64 -3.65 5.51 10.52
N SER A 65 -2.73 6.43 10.77
CA SER A 65 -2.98 7.55 11.68
C SER A 65 -2.51 8.84 11.02
N GLN A 66 -2.64 9.94 11.75
CA GLN A 66 -2.32 11.27 11.22
C GLN A 66 -0.84 11.43 10.91
N GLY A 67 0.02 10.57 11.46
CA GLY A 67 1.42 10.63 11.10
C GLY A 67 1.66 10.35 9.63
N SER A 68 0.76 9.56 9.01
CA SER A 68 0.84 9.30 7.58
C SER A 68 0.49 10.52 6.73
N MET A 69 -0.16 11.52 7.33
CA MET A 69 -0.53 12.75 6.63
C MET A 69 0.12 13.98 7.22
N SER A 70 1.02 13.82 8.20
CA SER A 70 1.50 14.95 8.98
C SER A 70 2.18 16.02 8.12
N TRP A 71 2.76 15.63 6.99
CA TRP A 71 3.52 16.59 6.20
C TRP A 71 2.63 17.57 5.45
N TYR A 72 1.32 17.35 5.40
CA TYR A 72 0.39 18.34 4.87
C TYR A 72 0.10 19.44 5.88
N GLY A 73 0.44 19.24 7.15
CA GLY A 73 0.14 20.22 8.18
C GLY A 73 0.79 21.57 7.97
N GLU A 74 2.08 21.69 8.31
CA GLU A 74 2.76 22.98 8.21
C GLU A 74 2.91 23.43 6.77
N ARG A 75 2.96 22.49 5.82
CA ARG A 75 3.16 22.81 4.41
C ARG A 75 2.04 23.71 3.89
N VAL A 76 0.82 23.17 3.86
CA VAL A 76 -0.32 23.92 3.33
C VAL A 76 -0.67 25.08 4.24
N ALA A 77 -0.67 24.86 5.55
CA ALA A 77 -1.07 25.90 6.49
C ALA A 77 -0.20 27.13 6.42
N SER A 78 1.05 27.00 5.96
CA SER A 78 1.92 28.16 5.78
C SER A 78 1.54 28.97 4.56
N HIS A 79 0.84 28.38 3.60
CA HIS A 79 0.31 29.13 2.47
C HIS A 79 -0.99 29.84 2.79
N GLY A 80 -1.56 29.61 3.98
CA GLY A 80 -2.74 30.32 4.41
C GLY A 80 -3.98 29.45 4.56
N PHE A 81 -3.92 28.46 5.45
CA PHE A 81 -5.06 27.58 5.70
C PHE A 81 -4.97 27.05 7.12
N ILE A 82 -6.11 26.60 7.64
CA ILE A 82 -6.16 25.79 8.84
C ILE A 82 -6.23 24.33 8.41
N VAL A 83 -5.23 23.55 8.82
CA VAL A 83 -5.13 22.14 8.44
C VAL A 83 -5.28 21.29 9.69
N PHE A 84 -6.06 20.21 9.59
CA PHE A 84 -6.43 19.37 10.72
C PHE A 84 -6.22 17.91 10.32
N THR A 85 -5.04 17.38 10.64
CA THR A 85 -4.75 15.96 10.43
C THR A 85 -5.37 15.18 11.58
N ILE A 86 -6.43 14.43 11.28
CA ILE A 86 -7.25 13.81 12.32
C ILE A 86 -6.96 12.32 12.40
N ASP A 87 -7.24 11.75 13.57
CA ASP A 87 -7.27 10.32 13.78
C ASP A 87 -8.71 9.85 13.81
N THR A 88 -8.94 8.63 13.30
CA THR A 88 -10.27 8.07 13.27
C THR A 88 -10.63 7.47 14.62
N ASN A 89 -11.82 6.88 14.71
CA ASN A 89 -12.26 6.26 15.96
C ASN A 89 -11.58 4.92 16.19
N THR A 90 -11.67 4.02 15.21
CA THR A 90 -10.84 2.82 15.17
C THR A 90 -10.00 2.85 13.90
N ARG A 91 -8.94 2.06 13.88
CA ARG A 91 -8.06 1.99 12.72
C ARG A 91 -8.69 1.21 11.56
N LEU A 92 -9.89 0.68 11.72
CA LEU A 92 -10.54 -0.14 10.71
C LEU A 92 -11.77 0.52 10.11
N ASP A 93 -11.91 1.83 10.27
CA ASP A 93 -13.14 2.51 9.88
C ASP A 93 -13.31 2.49 8.36
N ALA A 94 -14.51 2.09 7.92
CA ALA A 94 -14.85 2.08 6.51
C ALA A 94 -14.90 3.51 5.95
N PRO A 95 -14.89 3.67 4.62
CA PRO A 95 -14.89 5.03 4.05
C PRO A 95 -16.11 5.84 4.46
N GLY A 96 -17.27 5.21 4.63
CA GLY A 96 -18.44 5.94 5.07
C GLY A 96 -18.25 6.56 6.45
N GLN A 97 -17.64 5.81 7.37
CA GLN A 97 -17.42 6.32 8.72
C GLN A 97 -16.36 7.40 8.72
N ARG A 98 -15.36 7.30 7.85
CA ARG A 98 -14.36 8.36 7.74
C ARG A 98 -14.94 9.65 7.20
N GLY A 99 -16.04 9.58 6.45
CA GLY A 99 -16.75 10.79 6.07
C GLY A 99 -17.38 11.48 7.26
N ARG A 100 -18.15 10.73 8.06
CA ARG A 100 -18.75 11.29 9.27
C ARG A 100 -17.68 11.91 10.17
N GLN A 101 -16.62 11.16 10.44
CA GLN A 101 -15.57 11.65 11.34
C GLN A 101 -14.80 12.81 10.74
N LEU A 102 -14.80 12.96 9.41
CA LEU A 102 -14.25 14.17 8.82
C LEU A 102 -15.12 15.38 9.12
N LEU A 103 -16.45 15.18 9.14
CA LEU A 103 -17.36 16.27 9.46
C LEU A 103 -17.38 16.59 10.94
N ALA A 104 -17.19 15.60 11.81
CA ALA A 104 -17.12 15.86 13.24
C ALA A 104 -15.84 16.58 13.62
N ALA A 105 -14.79 16.47 12.80
CA ALA A 105 -13.58 17.25 13.03
C ALA A 105 -13.77 18.70 12.63
N LEU A 106 -14.43 18.93 11.49
CA LEU A 106 -14.74 20.29 11.08
C LEU A 106 -15.65 20.98 12.08
N ASP A 107 -16.71 20.29 12.51
CA ASP A 107 -17.60 20.84 13.53
C ASP A 107 -16.82 21.18 14.80
N TYR A 108 -15.88 20.32 15.19
CA TYR A 108 -15.04 20.59 16.35
C TYR A 108 -14.26 21.89 16.15
N LEU A 109 -13.75 22.12 14.94
CA LEU A 109 -13.03 23.36 14.66
C LEU A 109 -13.93 24.58 14.83
N VAL A 110 -15.23 24.43 14.55
CA VAL A 110 -16.15 25.55 14.62
C VAL A 110 -16.72 25.73 16.03
N GLU A 111 -17.08 24.63 16.68
CA GLU A 111 -17.83 24.69 17.93
C GLU A 111 -16.98 24.52 19.18
N ARG A 112 -15.83 23.86 19.08
CA ARG A 112 -15.08 23.45 20.26
C ARG A 112 -13.59 23.79 20.23
N SER A 113 -13.05 24.23 19.11
CA SER A 113 -11.62 24.49 19.01
C SER A 113 -11.19 25.56 20.00
N ASP A 114 -9.90 25.52 20.36
CA ASP A 114 -9.30 26.51 21.25
C ASP A 114 -9.54 27.92 20.73
N ARG A 115 -9.46 28.92 21.61
CA ARG A 115 -9.71 30.29 21.18
C ARG A 115 -8.72 30.74 20.11
N LYS A 116 -7.45 30.36 20.24
CA LYS A 116 -6.46 30.73 19.24
C LYS A 116 -6.81 30.17 17.87
N VAL A 117 -7.43 29.00 17.82
CA VAL A 117 -7.88 28.45 16.55
C VAL A 117 -9.21 29.05 16.13
N ARG A 118 -10.10 29.28 17.10
CA ARG A 118 -11.43 29.80 16.79
C ARG A 118 -11.37 31.19 16.18
N GLU A 119 -10.41 32.01 16.63
CA GLU A 119 -10.36 33.40 16.19
C GLU A 119 -9.88 33.54 14.75
N ARG A 120 -9.08 32.59 14.27
CA ARG A 120 -8.50 32.65 12.94
C ARG A 120 -9.32 31.91 11.89
N LEU A 121 -10.47 31.35 12.27
CA LEU A 121 -11.25 30.48 11.40
C LEU A 121 -12.48 31.20 10.87
N ASP A 122 -12.67 31.15 9.55
CA ASP A 122 -13.92 31.50 8.91
C ASP A 122 -14.75 30.22 8.83
N PRO A 123 -15.76 30.05 9.70
CA PRO A 123 -16.48 28.78 9.77
C PRO A 123 -17.33 28.45 8.55
N ASN A 124 -17.37 29.31 7.54
CA ASN A 124 -18.18 29.05 6.35
C ASN A 124 -17.38 28.45 5.20
N ARG A 125 -16.06 28.55 5.23
CA ARG A 125 -15.20 28.09 4.14
C ARG A 125 -14.41 26.88 4.63
N LEU A 126 -15.01 25.69 4.45
CA LEU A 126 -14.46 24.43 4.93
C LEU A 126 -14.23 23.49 3.77
N ALA A 127 -13.42 22.46 4.01
CA ALA A 127 -13.09 21.48 2.98
C ALA A 127 -12.64 20.19 3.63
N VAL A 128 -12.43 19.18 2.80
CA VAL A 128 -11.98 17.86 3.26
C VAL A 128 -10.90 17.34 2.32
N MET A 129 -9.97 16.59 2.89
CA MET A 129 -8.93 15.90 2.15
C MET A 129 -8.71 14.54 2.80
N GLY A 130 -8.26 13.57 2.00
CA GLY A 130 -8.07 12.24 2.54
C GLY A 130 -7.27 11.32 1.66
N HIS A 131 -6.62 10.33 2.27
CA HIS A 131 -5.80 9.35 1.57
C HIS A 131 -6.45 7.98 1.67
N ALA A 132 -6.46 7.27 0.54
CA ALA A 132 -6.92 5.88 0.46
C ALA A 132 -8.37 5.81 0.92
N MET A 133 -8.72 5.03 1.94
CA MET A 133 -10.08 5.01 2.45
C MET A 133 -10.48 6.37 3.03
N GLY A 134 -9.50 7.22 3.36
CA GLY A 134 -9.81 8.60 3.69
C GLY A 134 -10.18 9.43 2.48
N GLY A 135 -9.83 8.97 1.29
CA GLY A 135 -10.26 9.61 0.05
C GLY A 135 -11.65 9.19 -0.32
N GLY A 136 -11.97 7.90 -0.11
CA GLY A 136 -13.35 7.48 -0.18
C GLY A 136 -14.23 8.20 0.83
N GLY A 137 -13.72 8.35 2.06
CA GLY A 137 -14.39 9.18 3.04
C GLY A 137 -14.43 10.65 2.69
N SER A 138 -13.50 11.12 1.86
CA SER A 138 -13.59 12.46 1.31
C SER A 138 -14.79 12.58 0.39
N LEU A 139 -14.99 11.59 -0.48
CA LEU A 139 -16.13 11.59 -1.39
C LEU A 139 -17.45 11.52 -0.63
N GLU A 140 -17.49 10.73 0.44
CA GLU A 140 -18.74 10.58 1.20
C GLU A 140 -19.11 11.86 1.93
N ALA A 141 -18.12 12.51 2.56
CA ALA A 141 -18.41 13.74 3.30
C ALA A 141 -18.92 14.86 2.40
N THR A 142 -18.60 14.81 1.10
CA THR A 142 -19.21 15.74 0.16
C THR A 142 -20.70 15.45 0.01
N VAL A 143 -21.05 14.19 -0.26
CA VAL A 143 -22.45 13.79 -0.32
C VAL A 143 -23.14 14.07 1.00
N MET A 144 -22.43 13.91 2.12
CA MET A 144 -23.02 14.13 3.43
C MET A 144 -23.18 15.59 3.80
N ARG A 145 -22.42 16.49 3.17
CA ARG A 145 -22.51 17.92 3.46
C ARG A 145 -22.13 18.69 2.21
N PRO A 146 -23.11 18.97 1.34
CA PRO A 146 -22.80 19.64 0.07
C PRO A 146 -22.36 21.09 0.21
N SER A 147 -22.30 21.64 1.42
CA SER A 147 -21.84 23.01 1.60
C SER A 147 -20.33 23.14 1.60
N LEU A 148 -19.60 22.02 1.60
CA LEU A 148 -18.14 22.07 1.64
C LEU A 148 -17.58 22.74 0.39
N LYS A 149 -16.44 23.41 0.57
CA LYS A 149 -15.85 24.20 -0.51
C LYS A 149 -14.94 23.39 -1.42
N ALA A 150 -14.26 22.37 -0.89
CA ALA A 150 -13.33 21.60 -1.69
C ALA A 150 -13.25 20.16 -1.17
N SER A 151 -12.79 19.26 -2.03
CA SER A 151 -12.64 17.86 -1.71
C SER A 151 -11.48 17.29 -2.49
N ILE A 152 -10.51 16.69 -1.80
CA ILE A 152 -9.28 16.24 -2.44
C ILE A 152 -9.00 14.79 -2.06
N PRO A 153 -9.47 13.81 -2.84
CA PRO A 153 -9.20 12.40 -2.53
C PRO A 153 -7.84 11.96 -3.09
N LEU A 154 -6.95 11.59 -2.18
CA LEU A 154 -5.59 11.15 -2.53
C LEU A 154 -5.57 9.63 -2.58
N THR A 155 -5.24 9.07 -3.75
CA THR A 155 -5.28 7.64 -4.04
C THR A 155 -6.50 6.98 -3.38
N PRO A 156 -7.71 7.46 -3.68
CA PRO A 156 -8.88 7.09 -2.87
C PRO A 156 -9.29 5.64 -3.10
N TRP A 157 -10.01 5.12 -2.10
CA TRP A 157 -10.50 3.74 -2.11
C TRP A 157 -11.97 3.74 -1.72
N HIS A 158 -12.80 3.18 -2.60
CA HIS A 158 -14.22 3.03 -2.27
C HIS A 158 -14.81 1.91 -3.13
N LEU A 159 -15.75 1.17 -2.55
CA LEU A 159 -16.44 0.13 -3.29
C LEU A 159 -17.47 0.71 -4.25
N ASP A 160 -18.02 1.86 -3.93
CA ASP A 160 -19.02 2.49 -4.78
CA ASP A 160 -19.03 2.51 -4.78
C ASP A 160 -18.32 3.28 -5.89
N LYS A 161 -18.68 2.98 -7.14
CA LYS A 161 -17.97 3.54 -8.29
C LYS A 161 -18.63 4.78 -8.87
N THR A 162 -19.89 5.05 -8.53
CA THR A 162 -20.64 6.14 -9.13
C THR A 162 -20.87 7.26 -8.12
N TRP A 163 -20.49 8.48 -8.48
CA TRP A 163 -20.52 9.62 -7.58
C TRP A 163 -21.16 10.82 -8.26
N GLY A 164 -22.31 10.60 -8.92
CA GLY A 164 -22.93 11.65 -9.70
C GLY A 164 -23.66 12.70 -8.90
N GLN A 165 -23.94 12.43 -7.62
CA GLN A 165 -24.65 13.39 -6.78
C GLN A 165 -23.73 14.37 -6.08
N VAL A 166 -22.43 14.35 -6.37
CA VAL A 166 -21.48 15.22 -5.69
C VAL A 166 -21.53 16.62 -6.30
N GLN A 167 -21.52 17.64 -5.44
CA GLN A 167 -21.55 19.03 -5.87
C GLN A 167 -20.30 19.81 -5.48
N VAL A 168 -19.35 19.19 -4.78
CA VAL A 168 -18.17 19.90 -4.29
C VAL A 168 -17.06 19.77 -5.34
N PRO A 169 -16.34 20.84 -5.66
CA PRO A 169 -15.21 20.73 -6.59
C PRO A 169 -14.16 19.74 -6.11
N THR A 170 -14.07 18.60 -6.78
CA THR A 170 -13.28 17.46 -6.31
C THR A 170 -12.04 17.28 -7.19
N PHE A 171 -10.90 17.03 -6.53
CA PHE A 171 -9.60 16.88 -7.19
C PHE A 171 -9.03 15.52 -6.80
N ILE A 172 -9.16 14.54 -7.67
CA ILE A 172 -8.71 13.18 -7.40
C ILE A 172 -7.29 13.01 -7.94
N ILE A 173 -6.34 12.78 -7.04
CA ILE A 173 -4.96 12.53 -7.43
C ILE A 173 -4.75 11.03 -7.56
N GLY A 174 -4.23 10.61 -8.71
CA GLY A 174 -3.99 9.19 -8.95
C GLY A 174 -2.52 8.80 -8.88
N ALA A 175 -2.27 7.50 -8.79
CA ALA A 175 -0.92 6.96 -8.75
C ALA A 175 -0.81 5.85 -9.78
N GLU A 176 0.16 5.99 -10.69
CA GLU A 176 0.24 5.09 -11.85
C GLU A 176 0.31 3.63 -11.42
N LEU A 177 1.19 3.31 -10.48
CA LEU A 177 1.48 1.93 -10.12
C LEU A 177 0.74 1.47 -8.88
N ASP A 178 -0.31 2.19 -8.48
CA ASP A 178 -1.14 1.76 -7.35
C ASP A 178 -1.84 0.45 -7.69
N THR A 179 -1.64 -0.56 -6.84
CA THR A 179 -2.33 -1.84 -6.98
C THR A 179 -3.19 -2.18 -5.77
N ILE A 180 -3.27 -1.30 -4.79
CA ILE A 180 -4.19 -1.48 -3.66
C ILE A 180 -5.55 -0.85 -3.97
N ALA A 181 -5.54 0.41 -4.39
CA ALA A 181 -6.70 1.09 -4.94
C ALA A 181 -6.34 1.53 -6.35
N PRO A 182 -6.29 0.58 -7.30
CA PRO A 182 -5.78 0.92 -8.64
C PRO A 182 -6.68 1.92 -9.34
N VAL A 183 -6.03 2.80 -10.12
CA VAL A 183 -6.75 3.92 -10.73
C VAL A 183 -7.78 3.44 -11.74
N SER A 184 -7.52 2.31 -12.41
CA SER A 184 -8.44 1.83 -13.44
C SER A 184 -9.78 1.40 -12.87
N THR A 185 -9.84 1.02 -11.60
CA THR A 185 -11.07 0.59 -10.96
C THR A 185 -11.52 1.50 -9.82
N HIS A 186 -10.66 2.40 -9.35
CA HIS A 186 -11.04 3.33 -8.29
C HIS A 186 -10.96 4.76 -8.79
N ALA A 187 -9.75 5.31 -8.85
CA ALA A 187 -9.58 6.76 -9.06
C ALA A 187 -10.23 7.21 -10.36
N LYS A 188 -10.11 6.43 -11.44
CA LYS A 188 -10.70 6.85 -12.72
C LYS A 188 -12.22 6.76 -12.70
N PRO A 189 -12.84 5.61 -12.42
CA PRO A 189 -14.31 5.56 -12.43
C PRO A 189 -14.95 6.46 -11.38
N PHE A 190 -14.21 6.83 -10.33
CA PHE A 190 -14.72 7.85 -9.41
C PHE A 190 -14.82 9.20 -10.11
N TYR A 191 -13.75 9.60 -10.80
CA TYR A 191 -13.71 10.91 -11.43
C TYR A 191 -14.71 11.00 -12.58
N GLU A 192 -14.80 9.95 -13.40
CA GLU A 192 -15.67 9.99 -14.57
C GLU A 192 -17.15 9.95 -14.21
N SER A 193 -17.49 9.41 -13.03
CA SER A 193 -18.87 9.43 -12.57
C SER A 193 -19.21 10.70 -11.80
N LEU A 194 -18.24 11.58 -11.57
CA LEU A 194 -18.55 12.92 -11.10
C LEU A 194 -19.28 13.68 -12.21
N PRO A 195 -20.19 14.58 -11.87
CA PRO A 195 -20.97 15.28 -12.90
C PRO A 195 -20.06 16.08 -13.83
N SER A 196 -20.29 15.92 -15.14
CA SER A 196 -19.46 16.60 -16.13
C SER A 196 -19.51 18.12 -15.98
N SER A 197 -20.55 18.65 -15.34
CA SER A 197 -20.64 20.08 -15.06
C SER A 197 -19.94 20.47 -13.76
N LEU A 198 -19.37 19.51 -13.04
CA LEU A 198 -18.70 19.83 -11.79
C LEU A 198 -17.29 20.35 -12.08
N PRO A 199 -16.83 21.37 -11.36
CA PRO A 199 -15.41 21.73 -11.42
C PRO A 199 -14.58 20.62 -10.80
N LYS A 200 -13.78 19.92 -11.61
CA LYS A 200 -13.10 18.73 -11.14
C LYS A 200 -11.83 18.52 -11.95
N ALA A 201 -10.96 17.65 -11.44
CA ALA A 201 -9.70 17.35 -12.09
C ALA A 201 -9.21 15.99 -11.63
N TYR A 202 -8.41 15.35 -12.47
CA TYR A 202 -7.77 14.08 -12.14
C TYR A 202 -6.31 14.15 -12.53
N MET A 203 -5.42 14.04 -11.55
CA MET A 203 -3.98 14.04 -11.77
C MET A 203 -3.44 12.67 -11.40
N GLU A 204 -2.79 12.01 -12.36
CA GLU A 204 -2.17 10.71 -12.14
C GLU A 204 -0.67 10.87 -12.18
N LEU A 205 0.01 10.36 -11.16
CA LEU A 205 1.45 10.54 -11.01
C LEU A 205 2.20 9.39 -11.66
N CYS A 206 3.18 9.71 -12.49
CA CYS A 206 4.01 8.70 -13.14
C CYS A 206 4.77 7.89 -12.08
N GLY A 207 4.75 6.57 -12.23
CA GLY A 207 5.54 5.68 -11.40
C GLY A 207 5.19 5.66 -9.92
N ALA A 208 4.09 6.30 -9.54
CA ALA A 208 3.75 6.45 -8.14
C ALA A 208 2.99 5.23 -7.62
N THR A 209 3.17 4.95 -6.33
CA THR A 209 2.50 3.86 -5.65
C THR A 209 1.35 4.39 -4.81
N HIS A 210 0.68 3.47 -4.10
CA HIS A 210 -0.44 3.84 -3.25
C HIS A 210 -0.02 4.82 -2.16
N PHE A 211 1.25 4.79 -1.76
CA PHE A 211 1.72 5.54 -0.61
C PHE A 211 2.51 6.77 -0.98
N ALA A 212 2.54 7.14 -2.26
CA ALA A 212 3.17 8.39 -2.67
C ALA A 212 2.60 9.62 -1.98
N PRO A 213 1.30 9.72 -1.65
CA PRO A 213 0.83 10.91 -0.93
C PRO A 213 1.31 11.02 0.51
N ASN A 214 1.98 10.00 1.05
CA ASN A 214 2.36 10.00 2.46
C ASN A 214 3.75 10.59 2.70
N ILE A 215 4.46 11.00 1.66
CA ILE A 215 5.75 11.67 1.81
C ILE A 215 5.72 12.96 1.02
N PRO A 216 6.49 13.98 1.41
CA PRO A 216 6.47 15.25 0.68
C PRO A 216 6.65 15.08 -0.82
N ASN A 217 5.81 15.77 -1.59
CA ASN A 217 5.76 15.63 -3.04
C ASN A 217 5.38 16.98 -3.60
N THR A 218 6.34 17.65 -4.27
CA THR A 218 6.08 18.98 -4.78
C THR A 218 4.94 18.99 -5.78
N THR A 219 4.82 17.93 -6.59
CA THR A 219 3.71 17.84 -7.54
C THR A 219 2.37 17.82 -6.82
N ILE A 220 2.26 17.03 -5.74
CA ILE A 220 1.01 16.95 -5.00
C ILE A 220 0.73 18.28 -4.28
N ALA A 221 1.74 18.84 -3.61
CA ALA A 221 1.51 19.99 -2.76
C ALA A 221 1.15 21.23 -3.56
N LYS A 222 1.77 21.43 -4.72
CA LYS A 222 1.57 22.68 -5.45
C LYS A 222 0.16 22.81 -6.00
N TYR A 223 -0.49 21.70 -6.34
CA TYR A 223 -1.84 21.75 -6.90
C TYR A 223 -2.92 21.48 -5.88
N VAL A 224 -2.60 20.84 -4.76
CA VAL A 224 -3.50 20.85 -3.61
C VAL A 224 -3.63 22.27 -3.08
N ILE A 225 -2.52 23.01 -3.05
CA ILE A 225 -2.55 24.42 -2.64
C ILE A 225 -3.38 25.23 -3.63
N SER A 226 -3.14 25.02 -4.93
CA SER A 226 -3.91 25.74 -5.95
C SER A 226 -5.39 25.42 -5.86
N TRP A 227 -5.72 24.15 -5.65
CA TRP A 227 -7.12 23.74 -5.54
C TRP A 227 -7.77 24.34 -4.29
N LEU A 228 -7.09 24.23 -3.15
CA LEU A 228 -7.63 24.79 -1.91
C LEU A 228 -7.68 26.31 -1.96
N LYS A 229 -6.75 26.95 -2.67
CA LYS A 229 -6.83 28.40 -2.83
C LYS A 229 -8.01 28.78 -3.73
N ARG A 230 -8.18 28.08 -4.86
CA ARG A 230 -9.17 28.49 -5.84
C ARG A 230 -10.60 28.33 -5.31
N PHE A 231 -10.87 27.27 -4.56
CA PHE A 231 -12.24 26.95 -4.19
C PHE A 231 -12.57 27.21 -2.73
N VAL A 232 -11.62 27.09 -1.82
CA VAL A 232 -11.89 27.46 -0.43
C VAL A 232 -11.74 28.96 -0.23
N ASP A 233 -10.71 29.56 -0.83
CA ASP A 233 -10.50 31.00 -0.76
C ASP A 233 -11.19 31.77 -1.89
N GLU A 234 -11.89 31.08 -2.79
CA GLU A 234 -12.46 31.71 -3.98
C GLU A 234 -11.41 32.51 -4.74
N ASP A 235 -10.17 32.01 -4.73
CA ASP A 235 -9.00 32.76 -5.19
C ASP A 235 -8.71 32.39 -6.63
N THR A 236 -9.14 33.25 -7.55
CA THR A 236 -8.88 33.03 -8.97
C THR A 236 -7.45 33.34 -9.37
N ARG A 237 -6.60 33.79 -8.44
CA ARG A 237 -5.18 33.94 -8.72
C ARG A 237 -4.47 32.61 -8.88
N TYR A 238 -5.16 31.49 -8.65
CA TYR A 238 -4.55 30.17 -8.74
C TYR A 238 -5.17 29.33 -9.85
N SER A 239 -5.96 29.93 -10.74
CA SER A 239 -6.46 29.23 -11.92
C SER A 239 -5.38 29.08 -12.99
N GLN A 240 -4.38 29.96 -12.99
CA GLN A 240 -3.30 29.88 -13.97
C GLN A 240 -2.57 28.54 -13.92
N PHE A 241 -2.51 27.92 -12.74
CA PHE A 241 -1.84 26.64 -12.59
C PHE A 241 -2.78 25.45 -12.80
N LEU A 242 -4.09 25.67 -12.70
CA LEU A 242 -5.06 24.60 -12.86
C LEU A 242 -5.60 24.51 -14.29
N CYS A 243 -5.80 25.66 -14.94
CA CYS A 243 -6.33 25.69 -16.30
C CYS A 243 -5.40 26.53 -17.17
N PRO A 244 -4.91 25.99 -18.30
CA PRO A 244 -5.24 24.63 -18.76
C PRO A 244 -4.51 23.55 -17.95
N ASN A 245 -4.68 22.30 -18.36
CA ASN A 245 -4.16 21.17 -17.57
C ASN A 245 -2.66 21.31 -17.36
N PRO A 246 -2.17 21.15 -16.13
CA PRO A 246 -0.73 21.17 -15.90
C PRO A 246 -0.01 20.11 -16.72
N THR A 247 1.22 20.42 -17.09
CA THR A 247 2.01 19.58 -18.00
C THR A 247 3.34 19.21 -17.38
N ASP A 248 3.36 18.96 -16.08
CA ASP A 248 4.60 18.57 -15.41
C ASP A 248 5.05 17.19 -15.88
N ARG A 249 6.33 16.89 -15.63
CA ARG A 249 6.87 15.61 -16.07
C ARG A 249 6.39 14.47 -15.19
N ALA A 250 6.29 14.71 -13.88
CA ALA A 250 5.82 13.71 -12.91
C ALA A 250 4.34 13.39 -13.06
N ILE A 251 3.68 13.90 -14.10
CA ILE A 251 2.26 13.67 -14.33
C ILE A 251 2.14 12.83 -15.60
N CYS A 252 1.50 11.67 -15.49
CA CYS A 252 1.31 10.79 -16.64
C CYS A 252 -0.01 11.03 -17.35
N GLU A 253 -1.05 11.43 -16.62
CA GLU A 253 -2.32 11.77 -17.22
C GLU A 253 -2.97 12.88 -16.41
N TYR A 254 -3.59 13.83 -17.11
CA TYR A 254 -4.37 14.87 -16.47
C TYR A 254 -5.71 15.02 -17.17
N ARG A 255 -6.77 15.11 -16.39
CA ARG A 255 -8.12 15.33 -16.88
C ARG A 255 -8.78 16.40 -16.02
N SER A 256 -9.66 17.19 -16.64
CA SER A 256 -10.32 18.26 -15.91
C SER A 256 -11.49 18.77 -16.74
N THR A 257 -12.38 19.51 -16.07
CA THR A 257 -13.45 20.26 -16.71
C THR A 257 -13.11 21.73 -16.82
N CYS A 258 -11.87 22.05 -17.14
CA CYS A 258 -11.45 23.42 -17.34
C CYS A 258 -12.24 24.06 -18.49
N PRO A 259 -12.40 25.40 -18.48
CA PRO A 259 -11.85 26.34 -17.49
C PRO A 259 -12.74 26.59 -16.27
N TYR A 260 -12.11 26.87 -15.13
CA TYR A 260 -12.84 27.36 -13.97
C TYR A 260 -11.98 28.35 -13.20
N TYR B 5 -11.04 -20.13 -6.92
CA TYR B 5 -9.61 -20.23 -6.65
C TYR B 5 -9.31 -21.23 -5.54
N GLU B 6 -10.35 -21.61 -4.80
CA GLU B 6 -10.18 -22.60 -3.74
C GLU B 6 -9.83 -23.97 -4.31
N ARG B 7 -8.86 -24.62 -3.69
CA ARG B 7 -8.40 -25.92 -4.13
C ARG B 7 -8.25 -26.84 -2.92
N GLY B 8 -8.62 -28.10 -3.09
CA GLY B 8 -8.48 -29.09 -2.06
C GLY B 8 -9.56 -28.99 -0.99
N PRO B 9 -9.63 -30.01 -0.13
CA PRO B 9 -10.61 -29.98 0.96
C PRO B 9 -10.26 -28.94 2.01
N ASP B 10 -11.19 -28.71 2.92
CA ASP B 10 -11.04 -27.66 3.92
C ASP B 10 -9.94 -28.03 4.91
N PRO B 11 -9.08 -27.08 5.28
CA PRO B 11 -7.90 -27.42 6.07
C PRO B 11 -8.19 -27.60 7.55
N THR B 12 -7.26 -28.28 8.21
CA THR B 12 -7.19 -28.38 9.66
C THR B 12 -5.75 -28.09 10.08
N GLU B 13 -5.52 -28.04 11.39
CA GLU B 13 -4.17 -27.77 11.87
C GLU B 13 -3.23 -28.91 11.52
N ASP B 14 -3.75 -30.12 11.31
CA ASP B 14 -2.91 -31.25 10.89
C ASP B 14 -2.74 -31.30 9.38
N SER B 15 -3.81 -31.01 8.64
CA SER B 15 -3.75 -31.12 7.18
C SER B 15 -2.83 -30.08 6.56
N ILE B 16 -2.59 -28.95 7.23
CA ILE B 16 -1.62 -27.99 6.72
C ILE B 16 -0.20 -28.35 7.14
N GLU B 17 -0.03 -29.18 8.17
CA GLU B 17 1.27 -29.70 8.56
C GLU B 17 1.64 -30.96 7.82
N ALA B 18 0.74 -31.48 6.98
CA ALA B 18 1.01 -32.72 6.26
C ALA B 18 2.19 -32.53 5.31
N ILE B 19 3.07 -33.52 5.28
CA ILE B 19 4.22 -33.47 4.38
C ILE B 19 3.77 -33.66 2.93
N ARG B 20 2.73 -34.45 2.71
CA ARG B 20 2.11 -34.60 1.40
C ARG B 20 0.69 -34.05 1.46
N GLY B 21 0.36 -33.14 0.54
CA GLY B 21 -0.97 -32.59 0.47
C GLY B 21 -1.91 -33.49 -0.29
N PRO B 22 -3.11 -32.98 -0.61
CA PRO B 22 -4.08 -33.79 -1.36
C PRO B 22 -3.67 -34.06 -2.80
N PHE B 23 -2.63 -33.42 -3.31
CA PHE B 23 -2.27 -33.50 -4.73
C PHE B 23 -0.97 -34.27 -4.92
N SER B 24 -0.93 -35.08 -5.98
CA SER B 24 0.32 -35.67 -6.42
C SER B 24 1.15 -34.62 -7.16
N VAL B 25 2.44 -34.89 -7.30
CA VAL B 25 3.39 -33.91 -7.83
C VAL B 25 4.19 -34.54 -8.96
N ALA B 26 4.42 -33.76 -10.00
CA ALA B 26 5.38 -34.07 -11.06
C ALA B 26 6.38 -32.93 -11.16
N THR B 27 7.39 -33.11 -12.01
CA THR B 27 8.45 -32.12 -12.12
C THR B 27 8.82 -31.89 -13.58
N GLU B 28 9.47 -30.75 -13.81
CA GLU B 28 10.04 -30.40 -15.11
C GLU B 28 11.36 -29.68 -14.86
N ARG B 29 12.38 -30.05 -15.63
CA ARG B 29 13.70 -29.44 -15.51
C ARG B 29 13.84 -28.36 -16.57
N VAL B 30 14.29 -27.17 -16.14
CA VAL B 30 14.47 -26.03 -17.03
C VAL B 30 15.96 -25.78 -17.18
N SER B 31 16.45 -25.88 -18.41
CA SER B 31 17.85 -25.64 -18.71
C SER B 31 18.26 -24.25 -18.25
N SER B 32 19.50 -24.13 -17.78
CA SER B 32 20.02 -22.86 -17.30
C SER B 32 20.15 -21.81 -18.40
N PHE B 33 20.00 -22.21 -19.66
CA PHE B 33 20.02 -21.24 -20.75
C PHE B 33 18.69 -20.53 -20.93
N ALA B 34 17.72 -20.78 -20.06
CA ALA B 34 16.53 -19.96 -20.01
C ALA B 34 16.93 -18.51 -19.78
N SER B 35 16.17 -17.59 -20.38
CA SER B 35 16.58 -16.20 -20.45
C SER B 35 16.22 -15.46 -19.16
N GLY B 36 17.23 -14.83 -18.55
CA GLY B 36 17.01 -14.00 -17.39
C GLY B 36 17.34 -14.65 -16.05
N PHE B 37 17.70 -15.93 -16.04
CA PHE B 37 18.05 -16.62 -14.80
C PHE B 37 18.72 -17.94 -15.18
N GLY B 38 19.05 -18.73 -14.16
CA GLY B 38 19.80 -19.96 -14.37
C GLY B 38 18.97 -21.22 -14.38
N GLY B 39 17.78 -21.17 -14.97
CA GLY B 39 16.94 -22.34 -15.06
C GLY B 39 16.39 -22.76 -13.69
N GLY B 40 16.03 -24.03 -13.60
CA GLY B 40 15.57 -24.58 -12.35
C GLY B 40 14.66 -25.78 -12.57
N THR B 41 13.92 -26.11 -11.51
CA THR B 41 13.01 -27.24 -11.50
C THR B 41 11.61 -26.75 -11.18
N ILE B 42 10.63 -27.18 -11.95
CA ILE B 42 9.24 -26.78 -11.79
C ILE B 42 8.46 -27.91 -11.13
N TYR B 43 7.86 -27.63 -9.98
CA TYR B 43 6.97 -28.58 -9.31
C TYR B 43 5.53 -28.14 -9.52
N TYR B 44 4.66 -29.09 -9.84
CA TYR B 44 3.27 -28.76 -10.15
C TYR B 44 2.38 -29.92 -9.76
N PRO B 45 1.10 -29.66 -9.49
CA PRO B 45 0.16 -30.75 -9.22
C PRO B 45 -0.37 -31.36 -10.52
N ARG B 46 -0.47 -32.69 -10.53
CA ARG B 46 -0.93 -33.39 -11.72
C ARG B 46 -2.45 -33.35 -11.86
N GLU B 47 -3.17 -33.24 -10.76
CA GLU B 47 -4.64 -33.23 -10.79
C GLU B 47 -5.14 -31.97 -11.49
N THR B 48 -5.85 -32.15 -12.60
CA THR B 48 -6.34 -31.03 -13.40
C THR B 48 -7.78 -30.67 -13.14
N ASP B 49 -8.55 -31.55 -12.50
CA ASP B 49 -10.00 -31.39 -12.40
C ASP B 49 -10.44 -30.62 -11.16
N GLU B 50 -9.63 -29.65 -10.70
CA GLU B 50 -10.07 -28.67 -9.73
C GLU B 50 -9.75 -27.24 -10.16
N GLY B 51 -9.18 -27.05 -11.34
CA GLY B 51 -8.85 -25.75 -11.86
C GLY B 51 -7.35 -25.50 -11.88
N THR B 52 -6.95 -24.52 -12.69
CA THR B 52 -5.55 -24.11 -12.73
C THR B 52 -5.13 -23.55 -11.37
N PHE B 53 -3.82 -23.44 -11.18
CA PHE B 53 -3.26 -23.05 -9.90
C PHE B 53 -2.42 -21.79 -10.04
N GLY B 54 -2.04 -21.24 -8.89
CA GLY B 54 -1.06 -20.17 -8.85
C GLY B 54 0.35 -20.73 -8.84
N ALA B 55 1.32 -19.82 -8.90
CA ALA B 55 2.72 -20.21 -8.97
C ALA B 55 3.57 -19.23 -8.17
N VAL B 56 4.60 -19.76 -7.51
CA VAL B 56 5.53 -18.98 -6.71
C VAL B 56 6.95 -19.37 -7.09
N ALA B 57 7.84 -18.38 -7.15
CA ALA B 57 9.24 -18.59 -7.50
C ALA B 57 10.10 -18.57 -6.25
N VAL B 58 11.01 -19.53 -6.15
CA VAL B 58 11.82 -19.75 -4.96
C VAL B 58 13.28 -19.50 -5.30
N ALA B 59 13.87 -18.50 -4.64
CA ALA B 59 15.24 -18.09 -4.93
C ALA B 59 16.18 -18.47 -3.79
N PRO B 60 17.43 -18.82 -4.12
CA PRO B 60 18.39 -19.18 -3.06
C PRO B 60 19.19 -17.97 -2.57
N GLY B 61 20.04 -18.19 -1.59
CA GLY B 61 20.87 -17.15 -1.04
C GLY B 61 22.21 -17.03 -1.76
N PHE B 62 23.08 -16.21 -1.17
CA PHE B 62 24.42 -15.98 -1.68
C PHE B 62 25.17 -17.31 -1.84
N THR B 63 25.75 -17.50 -3.02
CA THR B 63 26.53 -18.69 -3.39
C THR B 63 25.71 -19.97 -3.38
N ALA B 64 24.43 -19.88 -3.01
CA ALA B 64 23.59 -21.05 -2.93
C ALA B 64 22.98 -21.38 -4.28
N SER B 65 22.25 -22.50 -4.33
CA SER B 65 21.57 -22.94 -5.54
C SER B 65 20.24 -23.58 -5.13
N GLN B 66 19.52 -24.11 -6.13
CA GLN B 66 18.20 -24.66 -5.87
C GLN B 66 18.22 -25.86 -4.94
N GLY B 67 19.39 -26.49 -4.76
CA GLY B 67 19.46 -27.60 -3.82
C GLY B 67 19.10 -27.20 -2.41
N SER B 68 19.52 -26.00 -1.99
CA SER B 68 19.21 -25.50 -0.66
C SER B 68 17.73 -25.22 -0.45
N MET B 69 16.92 -25.21 -1.52
CA MET B 69 15.49 -24.93 -1.43
C MET B 69 14.66 -26.10 -1.96
N SER B 70 15.25 -27.29 -2.06
CA SER B 70 14.61 -28.38 -2.80
C SER B 70 13.36 -28.91 -2.10
N TRP B 71 13.27 -28.78 -0.78
CA TRP B 71 12.16 -29.39 -0.06
C TRP B 71 10.87 -28.58 -0.14
N TYR B 72 10.95 -27.28 -0.44
CA TYR B 72 9.75 -26.50 -0.68
C TYR B 72 9.00 -26.98 -1.92
N GLY B 73 9.69 -27.66 -2.84
CA GLY B 73 9.10 -28.12 -4.07
C GLY B 73 7.87 -28.98 -3.91
N GLU B 74 8.06 -30.23 -3.49
CA GLU B 74 6.94 -31.16 -3.37
C GLU B 74 6.04 -30.79 -2.20
N ARG B 75 6.57 -30.11 -1.19
CA ARG B 75 5.76 -29.78 0.00
C ARG B 75 4.63 -28.84 -0.37
N VAL B 76 4.95 -27.65 -0.88
CA VAL B 76 3.92 -26.67 -1.21
C VAL B 76 3.10 -27.13 -2.40
N ALA B 77 3.75 -27.72 -3.41
CA ALA B 77 3.03 -28.07 -4.64
C ALA B 77 1.95 -29.11 -4.39
N SER B 78 2.20 -30.06 -3.48
CA SER B 78 1.21 -31.08 -3.19
C SER B 78 0.00 -30.50 -2.46
N HIS B 79 0.15 -29.33 -1.84
CA HIS B 79 -0.99 -28.61 -1.29
C HIS B 79 -1.66 -27.72 -2.33
N GLY B 80 -1.15 -27.69 -3.56
CA GLY B 80 -1.84 -27.03 -4.66
C GLY B 80 -1.18 -25.77 -5.18
N PHE B 81 0.05 -25.88 -5.68
CA PHE B 81 0.74 -24.74 -6.28
C PHE B 81 1.74 -25.25 -7.31
N ILE B 82 2.17 -24.33 -8.17
CA ILE B 82 3.28 -24.57 -9.09
C ILE B 82 4.52 -23.92 -8.48
N VAL B 83 5.48 -24.75 -8.05
CA VAL B 83 6.70 -24.26 -7.43
C VAL B 83 7.82 -24.32 -8.45
N PHE B 84 8.69 -23.30 -8.44
CA PHE B 84 9.80 -23.18 -9.38
C PHE B 84 11.04 -22.82 -8.57
N THR B 85 11.79 -23.85 -8.16
CA THR B 85 13.08 -23.62 -7.53
C THR B 85 14.10 -23.22 -8.59
N ILE B 86 14.65 -22.02 -8.47
CA ILE B 86 15.48 -21.44 -9.51
C ILE B 86 16.92 -21.37 -9.04
N ASP B 87 17.82 -21.28 -10.02
CA ASP B 87 19.21 -20.92 -9.81
C ASP B 87 19.44 -19.50 -10.34
N THR B 88 20.38 -18.80 -9.73
CA THR B 88 20.69 -17.45 -10.18
C THR B 88 21.60 -17.51 -11.40
N ASN B 89 21.85 -16.34 -11.99
CA ASN B 89 22.80 -16.24 -13.08
C ASN B 89 24.21 -16.57 -12.60
N THR B 90 24.62 -15.97 -11.49
CA THR B 90 25.87 -16.30 -10.83
C THR B 90 25.62 -16.48 -9.34
N ARG B 91 26.51 -17.23 -8.70
CA ARG B 91 26.42 -17.45 -7.25
C ARG B 91 26.63 -16.17 -6.46
N LEU B 92 27.18 -15.13 -7.07
CA LEU B 92 27.49 -13.88 -6.39
C LEU B 92 26.44 -12.80 -6.62
N ASP B 93 25.28 -13.15 -7.17
CA ASP B 93 24.29 -12.14 -7.54
C ASP B 93 23.74 -11.43 -6.31
N ALA B 94 23.72 -10.10 -6.38
CA ALA B 94 23.22 -9.27 -5.31
C ALA B 94 21.70 -9.43 -5.18
N PRO B 95 21.12 -8.98 -4.06
CA PRO B 95 19.66 -9.13 -3.88
C PRO B 95 18.84 -8.48 -4.99
N GLY B 96 19.28 -7.33 -5.52
CA GLY B 96 18.54 -6.69 -6.59
C GLY B 96 18.46 -7.54 -7.84
N GLN B 97 19.57 -8.17 -8.21
CA GLN B 97 19.58 -9.02 -9.40
C GLN B 97 18.74 -10.29 -9.17
N ARG B 98 18.72 -10.81 -7.94
CA ARG B 98 17.92 -11.98 -7.66
C ARG B 98 16.43 -11.69 -7.82
N GLY B 99 16.02 -10.44 -7.58
CA GLY B 99 14.63 -10.08 -7.79
C GLY B 99 14.25 -10.01 -9.26
N ARG B 100 15.12 -9.38 -10.07
CA ARG B 100 14.92 -9.38 -11.51
C ARG B 100 14.85 -10.80 -12.05
N GLN B 101 15.73 -11.68 -11.56
CA GLN B 101 15.71 -13.07 -12.00
C GLN B 101 14.49 -13.81 -11.47
N LEU B 102 13.97 -13.40 -10.31
CA LEU B 102 12.70 -13.97 -9.83
C LEU B 102 11.55 -13.62 -10.75
N LEU B 103 11.61 -12.46 -11.42
CA LEU B 103 10.53 -12.06 -12.32
C LEU B 103 10.61 -12.78 -13.66
N ALA B 104 11.82 -12.88 -14.23
CA ALA B 104 11.97 -13.61 -15.49
C ALA B 104 11.62 -15.08 -15.32
N ALA B 105 11.85 -15.64 -14.14
CA ALA B 105 11.46 -17.03 -13.89
C ALA B 105 9.94 -17.18 -13.94
N LEU B 106 9.21 -16.26 -13.31
CA LEU B 106 7.76 -16.27 -13.42
C LEU B 106 7.31 -15.99 -14.84
N ASP B 107 8.00 -15.08 -15.54
CA ASP B 107 7.68 -14.82 -16.94
C ASP B 107 7.94 -16.06 -17.79
N TYR B 108 9.00 -16.81 -17.48
CA TYR B 108 9.23 -18.07 -18.18
C TYR B 108 8.09 -19.05 -17.96
N LEU B 109 7.49 -19.03 -16.76
CA LEU B 109 6.35 -19.91 -16.50
C LEU B 109 5.16 -19.54 -17.39
N VAL B 110 4.90 -18.24 -17.56
CA VAL B 110 3.72 -17.81 -18.29
C VAL B 110 3.92 -17.96 -19.79
N GLU B 111 5.14 -17.72 -20.27
CA GLU B 111 5.37 -17.53 -21.70
C GLU B 111 6.09 -18.67 -22.39
N ARG B 112 6.99 -19.39 -21.72
CA ARG B 112 7.88 -20.32 -22.40
C ARG B 112 7.90 -21.73 -21.85
N SER B 113 7.26 -22.02 -20.73
CA SER B 113 7.39 -23.32 -20.08
C SER B 113 6.66 -24.39 -20.88
N ASP B 114 6.63 -25.61 -20.34
CA ASP B 114 6.04 -26.74 -21.02
C ASP B 114 4.52 -26.69 -20.92
N ARG B 115 3.86 -27.32 -21.90
CA ARG B 115 2.40 -27.30 -21.96
C ARG B 115 1.79 -27.90 -20.69
N LYS B 116 2.37 -28.99 -20.19
CA LYS B 116 1.87 -29.59 -18.94
C LYS B 116 1.97 -28.62 -17.77
N VAL B 117 2.89 -27.66 -17.84
CA VAL B 117 2.96 -26.60 -16.84
C VAL B 117 2.04 -25.43 -17.20
N ARG B 118 1.97 -25.10 -18.50
CA ARG B 118 1.16 -23.96 -18.92
C ARG B 118 -0.32 -24.23 -18.81
N GLU B 119 -0.74 -25.49 -18.94
CA GLU B 119 -2.15 -25.83 -18.86
C GLU B 119 -2.69 -25.80 -17.43
N ARG B 120 -1.82 -25.89 -16.44
CA ARG B 120 -2.22 -25.86 -15.05
C ARG B 120 -1.95 -24.52 -14.38
N LEU B 121 -1.35 -23.58 -15.10
CA LEU B 121 -0.98 -22.29 -14.54
C LEU B 121 -2.10 -21.28 -14.72
N ASP B 122 -2.31 -20.46 -13.69
CA ASP B 122 -3.09 -19.24 -13.80
C ASP B 122 -2.12 -18.08 -13.85
N PRO B 123 -1.90 -17.45 -15.00
CA PRO B 123 -0.81 -16.47 -15.12
C PRO B 123 -1.00 -15.19 -14.31
N ASN B 124 -2.17 -14.99 -13.69
CA ASN B 124 -2.43 -13.76 -12.96
C ASN B 124 -2.17 -13.87 -11.46
N ARG B 125 -1.95 -15.07 -10.94
CA ARG B 125 -1.85 -15.31 -9.50
C ARG B 125 -0.45 -15.83 -9.17
N LEU B 126 0.50 -14.89 -9.05
CA LEU B 126 1.90 -15.21 -8.85
C LEU B 126 2.37 -14.69 -7.50
N ALA B 127 3.48 -15.26 -7.02
CA ALA B 127 4.08 -14.86 -5.76
C ALA B 127 5.59 -15.08 -5.84
N VAL B 128 6.30 -14.51 -4.88
CA VAL B 128 7.75 -14.64 -4.79
C VAL B 128 8.13 -15.09 -3.39
N MET B 129 9.29 -15.74 -3.30
CA MET B 129 9.85 -16.20 -2.03
C MET B 129 11.32 -16.50 -2.24
N GLY B 130 12.15 -16.14 -1.26
CA GLY B 130 13.57 -16.38 -1.35
C GLY B 130 14.16 -16.57 0.04
N HIS B 131 15.45 -16.90 0.05
CA HIS B 131 16.19 -17.11 1.28
C HIS B 131 17.41 -16.20 1.30
N ALA B 132 17.59 -15.48 2.41
CA ALA B 132 18.75 -14.61 2.66
C ALA B 132 18.78 -13.52 1.60
N MET B 133 19.84 -13.42 0.77
CA MET B 133 19.82 -12.45 -0.32
C MET B 133 18.68 -12.74 -1.30
N GLY B 134 18.32 -14.01 -1.47
CA GLY B 134 17.13 -14.34 -2.22
C GLY B 134 15.87 -13.84 -1.55
N GLY B 135 15.87 -13.78 -0.22
CA GLY B 135 14.78 -13.15 0.49
C GLY B 135 14.76 -11.64 0.28
N GLY B 136 15.94 -11.02 0.31
CA GLY B 136 16.03 -9.62 -0.07
C GLY B 136 15.70 -9.39 -1.54
N GLY B 137 15.87 -10.41 -2.37
CA GLY B 137 15.40 -10.35 -3.74
C GLY B 137 13.91 -10.50 -3.87
N SER B 138 13.26 -11.13 -2.90
CA SER B 138 11.80 -11.17 -2.88
C SER B 138 11.24 -9.80 -2.54
N LEU B 139 11.88 -9.08 -1.59
CA LEU B 139 11.48 -7.71 -1.31
C LEU B 139 11.68 -6.82 -2.53
N GLU B 140 12.85 -6.94 -3.17
CA GLU B 140 13.12 -6.16 -4.38
C GLU B 140 12.07 -6.43 -5.46
N ALA B 141 11.64 -7.70 -5.58
CA ALA B 141 10.71 -8.07 -6.64
C ALA B 141 9.36 -7.40 -6.47
N THR B 142 8.90 -7.24 -5.23
CA THR B 142 7.59 -6.63 -4.99
C THR B 142 7.55 -5.20 -5.50
N VAL B 143 8.58 -4.41 -5.19
CA VAL B 143 8.68 -3.04 -5.70
C VAL B 143 8.94 -3.02 -7.20
N MET B 144 9.35 -4.14 -7.79
CA MET B 144 9.57 -4.23 -9.23
C MET B 144 8.29 -4.63 -9.97
N ARG B 145 7.50 -5.53 -9.40
CA ARG B 145 6.22 -5.95 -9.98
C ARG B 145 5.19 -5.97 -8.86
N PRO B 146 4.59 -4.81 -8.56
CA PRO B 146 3.61 -4.75 -7.45
C PRO B 146 2.34 -5.54 -7.70
N SER B 147 2.16 -6.13 -8.88
CA SER B 147 0.98 -6.93 -9.17
C SER B 147 1.05 -8.33 -8.55
N LEU B 148 2.23 -8.77 -8.11
CA LEU B 148 2.35 -10.08 -7.46
C LEU B 148 1.42 -10.17 -6.26
N LYS B 149 0.95 -11.38 -5.99
CA LYS B 149 -0.07 -11.61 -4.97
C LYS B 149 0.49 -11.84 -3.58
N ALA B 150 1.74 -12.29 -3.47
CA ALA B 150 2.31 -12.63 -2.17
C ALA B 150 3.83 -12.58 -2.25
N SER B 151 4.45 -12.54 -1.07
CA SER B 151 5.91 -12.48 -0.97
C SER B 151 6.34 -13.02 0.38
N ILE B 152 7.32 -13.91 0.40
CA ILE B 152 7.81 -14.50 1.64
C ILE B 152 9.34 -14.39 1.67
N PRO B 153 9.90 -13.38 2.33
CA PRO B 153 11.35 -13.33 2.52
C PRO B 153 11.76 -14.17 3.72
N LEU B 154 12.65 -15.14 3.50
CA LEU B 154 13.07 -16.08 4.53
C LEU B 154 14.46 -15.71 5.01
N THR B 155 14.57 -15.40 6.31
CA THR B 155 15.79 -14.92 6.95
C THR B 155 16.53 -13.95 6.02
N PRO B 156 15.91 -12.84 5.64
CA PRO B 156 16.37 -12.08 4.48
C PRO B 156 17.61 -11.25 4.78
N TRP B 157 18.33 -10.92 3.71
CA TRP B 157 19.52 -10.08 3.76
C TRP B 157 19.38 -8.97 2.75
N HIS B 158 19.44 -7.71 3.22
CA HIS B 158 19.42 -6.57 2.32
C HIS B 158 20.08 -5.39 3.01
N LEU B 159 20.77 -4.56 2.23
CA LEU B 159 21.42 -3.37 2.77
C LEU B 159 20.41 -2.25 3.02
N ASP B 160 19.40 -2.12 2.16
CA ASP B 160 18.39 -1.08 2.30
C ASP B 160 17.35 -1.51 3.33
N LYS B 161 17.24 -0.74 4.42
CA LYS B 161 16.42 -1.11 5.56
C LYS B 161 15.00 -0.58 5.48
N THR B 162 14.65 0.20 4.46
CA THR B 162 13.37 0.88 4.39
C THR B 162 12.59 0.34 3.19
N TRP B 163 11.41 -0.20 3.47
CA TRP B 163 10.54 -0.82 2.45
C TRP B 163 9.11 -0.33 2.61
N GLY B 164 8.93 0.98 2.66
CA GLY B 164 7.66 1.61 2.90
C GLY B 164 6.79 1.89 1.70
N GLN B 165 7.20 1.45 0.50
CA GLN B 165 6.40 1.59 -0.70
C GLN B 165 5.95 0.24 -1.26
N VAL B 166 6.04 -0.81 -0.46
CA VAL B 166 5.62 -2.15 -0.86
C VAL B 166 4.10 -2.26 -0.74
N GLN B 167 3.48 -2.98 -1.67
CA GLN B 167 2.04 -3.20 -1.62
C GLN B 167 1.67 -4.65 -1.94
N VAL B 168 2.59 -5.58 -1.71
CA VAL B 168 2.31 -7.00 -1.85
C VAL B 168 2.24 -7.60 -0.44
N PRO B 169 1.27 -8.48 -0.15
CA PRO B 169 1.23 -9.13 1.17
C PRO B 169 2.51 -9.93 1.41
N THR B 170 3.22 -9.57 2.48
CA THR B 170 4.56 -10.06 2.73
C THR B 170 4.64 -10.76 4.09
N PHE B 171 5.13 -12.00 4.08
CA PHE B 171 5.33 -12.80 5.29
C PHE B 171 6.83 -12.99 5.49
N ILE B 172 7.37 -12.31 6.50
CA ILE B 172 8.81 -12.36 6.80
C ILE B 172 9.05 -13.39 7.88
N ILE B 173 10.02 -14.28 7.64
CA ILE B 173 10.38 -15.33 8.59
C ILE B 173 11.86 -15.18 8.90
N GLY B 174 12.18 -14.88 10.17
CA GLY B 174 13.54 -14.73 10.62
C GLY B 174 13.90 -15.78 11.65
N ALA B 175 15.20 -15.88 11.93
CA ALA B 175 15.74 -16.87 12.84
C ALA B 175 16.31 -16.19 14.07
N GLU B 176 15.98 -16.72 15.25
CA GLU B 176 16.41 -16.08 16.49
C GLU B 176 17.93 -16.04 16.63
N LEU B 177 18.60 -17.12 16.26
CA LEU B 177 20.06 -17.21 16.37
C LEU B 177 20.74 -16.97 15.03
N ASP B 178 20.13 -16.16 14.16
CA ASP B 178 20.77 -15.74 12.93
C ASP B 178 21.79 -14.65 13.25
N THR B 179 23.06 -14.92 12.95
CA THR B 179 24.11 -13.93 13.06
C THR B 179 24.72 -13.58 11.71
N ILE B 180 24.24 -14.19 10.62
CA ILE B 180 24.64 -13.78 9.29
C ILE B 180 23.75 -12.65 8.79
N ALA B 181 22.46 -12.73 9.10
CA ALA B 181 21.50 -11.66 8.80
C ALA B 181 20.60 -11.51 10.03
N PRO B 182 21.06 -10.77 11.04
CA PRO B 182 20.33 -10.75 12.32
C PRO B 182 19.02 -9.99 12.21
N VAL B 183 17.98 -10.53 12.87
CA VAL B 183 16.65 -9.97 12.78
C VAL B 183 16.58 -8.54 13.30
N SER B 184 17.49 -8.16 14.19
CA SER B 184 17.45 -6.81 14.77
C SER B 184 17.94 -5.73 13.83
N THR B 185 18.71 -6.09 12.80
CA THR B 185 19.12 -5.15 11.77
C THR B 185 18.67 -5.57 10.38
N HIS B 186 17.88 -6.65 10.27
CA HIS B 186 17.43 -7.13 8.98
C HIS B 186 15.94 -7.47 9.00
N ALA B 187 15.59 -8.65 9.53
CA ALA B 187 14.23 -9.15 9.43
C ALA B 187 13.22 -8.19 10.06
N LYS B 188 13.49 -7.75 11.29
CA LYS B 188 12.55 -6.88 12.00
C LYS B 188 12.49 -5.47 11.41
N PRO B 189 13.63 -4.85 11.04
CA PRO B 189 13.52 -3.53 10.39
C PRO B 189 12.75 -3.57 9.08
N PHE B 190 12.95 -4.59 8.24
CA PHE B 190 12.18 -4.71 7.01
C PHE B 190 10.69 -4.74 7.30
N TYR B 191 10.28 -5.60 8.24
CA TYR B 191 8.86 -5.77 8.54
C TYR B 191 8.25 -4.50 9.11
N GLU B 192 8.97 -3.81 10.01
CA GLU B 192 8.44 -2.60 10.60
C GLU B 192 8.36 -1.46 9.59
N SER B 193 9.24 -1.46 8.59
CA SER B 193 9.21 -0.43 7.56
C SER B 193 8.08 -0.66 6.56
N LEU B 194 7.60 -1.89 6.43
CA LEU B 194 6.44 -2.15 5.60
C LEU B 194 5.28 -1.28 6.06
N PRO B 195 4.37 -0.91 5.15
CA PRO B 195 3.26 -0.04 5.54
C PRO B 195 2.43 -0.65 6.66
N SER B 196 1.90 0.22 7.53
CA SER B 196 1.03 -0.24 8.61
C SER B 196 -0.23 -0.90 8.07
N SER B 197 -0.63 -0.59 6.84
CA SER B 197 -1.84 -1.12 6.24
C SER B 197 -1.59 -2.36 5.39
N LEU B 198 -0.34 -2.61 5.01
CA LEU B 198 -0.04 -3.78 4.18
C LEU B 198 -0.35 -5.06 4.96
N PRO B 199 -1.02 -6.03 4.35
CA PRO B 199 -1.16 -7.34 5.00
C PRO B 199 0.21 -8.00 5.14
N LYS B 200 0.64 -8.22 6.38
CA LYS B 200 1.99 -8.68 6.62
C LYS B 200 2.04 -9.49 7.92
N ALA B 201 3.17 -10.14 8.14
CA ALA B 201 3.41 -10.92 9.34
C ALA B 201 4.90 -11.15 9.49
N TYR B 202 5.34 -11.28 10.73
CA TYR B 202 6.73 -11.60 11.06
C TYR B 202 6.73 -12.81 11.99
N MET B 203 7.43 -13.87 11.57
CA MET B 203 7.53 -15.09 12.37
C MET B 203 8.99 -15.38 12.64
N GLU B 204 9.35 -15.46 13.92
CA GLU B 204 10.72 -15.64 14.37
C GLU B 204 10.82 -16.96 15.11
N LEU B 205 11.58 -17.90 14.55
CA LEU B 205 11.66 -19.25 15.09
C LEU B 205 12.61 -19.31 16.28
N CYS B 206 12.18 -20.01 17.33
CA CYS B 206 12.95 -20.08 18.57
C CYS B 206 14.26 -20.82 18.34
N GLY B 207 15.38 -20.11 18.54
CA GLY B 207 16.68 -20.75 18.48
C GLY B 207 17.09 -21.27 17.12
N ALA B 208 16.51 -20.78 16.04
CA ALA B 208 16.85 -21.23 14.71
C ALA B 208 18.03 -20.44 14.16
N THR B 209 18.66 -20.99 13.12
CA THR B 209 19.82 -20.37 12.51
C THR B 209 19.48 -19.85 11.11
N HIS B 210 20.44 -19.14 10.54
CA HIS B 210 20.31 -18.55 9.21
C HIS B 210 19.97 -19.58 8.14
N PHE B 211 20.26 -20.86 8.39
CA PHE B 211 20.06 -21.91 7.40
C PHE B 211 18.88 -22.82 7.72
N ALA B 212 18.10 -22.49 8.77
CA ALA B 212 16.90 -23.27 9.06
C ALA B 212 15.91 -23.32 7.90
N PRO B 213 15.75 -22.28 7.07
CA PRO B 213 14.90 -22.45 5.87
C PRO B 213 15.42 -23.44 4.85
N ASN B 214 16.64 -23.94 5.00
CA ASN B 214 17.19 -24.88 4.03
C ASN B 214 16.87 -26.34 4.35
N ILE B 215 16.17 -26.60 5.45
CA ILE B 215 15.81 -27.97 5.81
C ILE B 215 14.32 -28.03 6.16
N PRO B 216 13.65 -29.17 5.92
CA PRO B 216 12.20 -29.26 6.18
C PRO B 216 11.80 -28.83 7.58
N ASN B 217 11.01 -27.76 7.65
CA ASN B 217 10.51 -27.21 8.89
C ASN B 217 9.00 -27.15 8.82
N THR B 218 8.32 -27.83 9.74
CA THR B 218 6.86 -27.84 9.72
C THR B 218 6.29 -26.48 10.09
N THR B 219 6.90 -25.80 11.06
CA THR B 219 6.48 -24.44 11.38
C THR B 219 6.59 -23.54 10.16
N ILE B 220 7.62 -23.74 9.34
CA ILE B 220 7.77 -22.96 8.11
C ILE B 220 6.72 -23.38 7.09
N ALA B 221 6.50 -24.69 6.94
CA ALA B 221 5.64 -25.18 5.86
C ALA B 221 4.19 -24.79 6.06
N LYS B 222 3.66 -25.01 7.27
CA LYS B 222 2.23 -24.78 7.50
C LYS B 222 1.83 -23.33 7.28
N TYR B 223 2.74 -22.39 7.56
CA TYR B 223 2.42 -20.97 7.49
C TYR B 223 2.94 -20.32 6.21
N VAL B 224 3.81 -21.00 5.46
CA VAL B 224 4.07 -20.58 4.08
C VAL B 224 2.94 -21.07 3.18
N ILE B 225 2.40 -22.25 3.46
CA ILE B 225 1.22 -22.74 2.75
C ILE B 225 0.02 -21.85 3.04
N SER B 226 -0.23 -21.59 4.32
CA SER B 226 -1.40 -20.79 4.71
C SER B 226 -1.34 -19.40 4.09
N TRP B 227 -0.16 -18.78 4.08
CA TRP B 227 -0.03 -17.45 3.49
C TRP B 227 -0.28 -17.48 1.99
N LEU B 228 0.28 -18.48 1.29
CA LEU B 228 0.06 -18.59 -0.14
C LEU B 228 -1.41 -18.81 -0.45
N LYS B 229 -2.04 -19.79 0.21
CA LYS B 229 -3.47 -20.02 0.00
C LYS B 229 -4.28 -18.76 0.26
N ARG B 230 -3.98 -18.06 1.36
CA ARG B 230 -4.77 -16.90 1.73
C ARG B 230 -4.65 -15.78 0.71
N PHE B 231 -3.47 -15.59 0.13
CA PHE B 231 -3.23 -14.44 -0.72
C PHE B 231 -3.03 -14.77 -2.20
N VAL B 232 -2.49 -15.95 -2.53
CA VAL B 232 -2.41 -16.32 -3.94
C VAL B 232 -3.73 -16.92 -4.40
N ASP B 233 -4.41 -17.67 -3.53
CA ASP B 233 -5.70 -18.25 -3.85
C ASP B 233 -6.88 -17.46 -3.28
N GLU B 234 -6.61 -16.37 -2.56
CA GLU B 234 -7.65 -15.58 -1.90
C GLU B 234 -8.58 -16.48 -1.10
N ASP B 235 -7.98 -17.37 -0.33
CA ASP B 235 -8.67 -18.47 0.34
C ASP B 235 -8.81 -18.14 1.82
N THR B 236 -10.05 -17.83 2.25
CA THR B 236 -10.31 -17.46 3.62
C THR B 236 -10.42 -18.67 4.55
N ARG B 237 -10.40 -19.88 4.02
CA ARG B 237 -10.32 -21.06 4.88
C ARG B 237 -9.00 -21.11 5.64
N TYR B 238 -7.99 -20.40 5.17
CA TYR B 238 -6.67 -20.38 5.78
C TYR B 238 -6.40 -19.12 6.59
N SER B 239 -7.44 -18.32 6.85
CA SER B 239 -7.29 -17.18 7.75
C SER B 239 -7.34 -17.59 9.21
N GLN B 240 -7.99 -18.72 9.50
CA GLN B 240 -8.10 -19.19 10.88
C GLN B 240 -6.74 -19.49 11.48
N PHE B 241 -5.76 -19.87 10.65
CA PHE B 241 -4.43 -20.17 11.14
C PHE B 241 -3.53 -18.93 11.17
N LEU B 242 -3.73 -17.99 10.26
CA LEU B 242 -2.96 -16.75 10.25
C LEU B 242 -3.42 -15.80 11.33
N CYS B 243 -4.73 -15.76 11.59
CA CYS B 243 -5.30 -14.86 12.59
C CYS B 243 -6.23 -15.63 13.51
N PRO B 244 -6.15 -15.42 14.84
CA PRO B 244 -5.18 -14.54 15.51
C PRO B 244 -3.75 -15.07 15.46
N ASN B 245 -2.83 -14.38 16.13
CA ASN B 245 -1.40 -14.68 16.02
C ASN B 245 -1.13 -16.15 16.34
N PRO B 246 -0.48 -16.88 15.43
CA PRO B 246 -0.20 -18.31 15.69
C PRO B 246 0.67 -18.48 16.92
N THR B 247 0.24 -19.37 17.81
CA THR B 247 0.91 -19.62 19.07
C THR B 247 1.59 -20.98 19.10
N ASP B 248 2.20 -21.37 17.97
CA ASP B 248 3.02 -22.56 17.95
C ASP B 248 4.17 -22.40 18.94
N ARG B 249 4.54 -23.49 19.62
CA ARG B 249 5.56 -23.41 20.65
C ARG B 249 6.95 -23.18 20.06
N ALA B 250 7.16 -23.51 18.79
CA ALA B 250 8.44 -23.26 18.13
C ALA B 250 8.63 -21.80 17.74
N ILE B 251 7.58 -20.99 17.83
CA ILE B 251 7.65 -19.57 17.46
C ILE B 251 8.11 -18.77 18.67
N CYS B 252 9.11 -17.93 18.48
CA CYS B 252 9.61 -17.09 19.56
C CYS B 252 8.97 -15.71 19.57
N GLU B 253 8.60 -15.17 18.40
CA GLU B 253 7.81 -13.96 18.35
C GLU B 253 7.01 -13.95 17.06
N TYR B 254 5.78 -13.46 17.13
CA TYR B 254 4.93 -13.29 15.96
C TYR B 254 4.31 -11.90 15.99
N ARG B 255 4.47 -11.18 14.90
CA ARG B 255 3.82 -9.89 14.68
C ARG B 255 2.94 -9.99 13.44
N SER B 256 1.83 -9.26 13.44
CA SER B 256 0.92 -9.31 12.30
C SER B 256 0.00 -8.10 12.34
N THR B 257 -0.60 -7.81 11.17
CA THR B 257 -1.67 -6.83 11.08
C THR B 257 -3.00 -7.56 10.91
N CYS B 258 -3.29 -8.49 11.81
CA CYS B 258 -4.55 -9.20 11.75
C CYS B 258 -5.71 -8.28 12.11
N PRO B 259 -6.93 -8.58 11.61
CA PRO B 259 -7.27 -9.67 10.70
C PRO B 259 -7.07 -9.31 9.22
N TYR B 260 -7.11 -10.31 8.34
CA TYR B 260 -6.99 -10.05 6.91
C TYR B 260 -8.33 -10.24 6.20
#